data_9K7B
#
_entry.id   9K7B
#
loop_
_entity.id
_entity.type
_entity.pdbx_description
1 polymer 'Sodium- and chloride-dependent taurine transporter'
2 non-polymer '2-AMINOETHANESULFONIC ACID'
3 non-polymer 'SODIUM ION'
4 non-polymer 'CHLORIDE ION'
5 non-polymer CHOLESTEROL
6 water water
#
_entity_poly.entity_id   1
_entity_poly.type   'polypeptide(L)'
_entity_poly.pdbx_seq_one_letter_code
;MDYKDDDDKGSGMATKEKLQCLKDFHKDILKPSPGKSPGTRPEDEAEGKPPQREKWSSKIDFVLSVAGGFVGLGNVWRFP
YLCYKNGGGAFLIPYFIFLFGSGLPVFFLEIIIGQYTSEGGITCWEKICPLFSGIGYASVVIVSLLNVYYIVILAWATYY
LFQSFQKELPWAHCNHSWNTPHCMEDTMRKNKSVWITISSTNFTSPVIEFWERNVLSLSPGIDHPGSLKWDLALCLLLVW
LVCFFCIWKGVRSTGKVVYFTATFPFAMLLVLLVRGLTLPGAGAGIKFYLYPDITRLEDPQVWIDAGTQIFFSYAICLGA
MTSLGSYNKYKYNSYRDCMLLGCLNSGTSFVSGFAIFSILGFMAQEQGVDIADVAESGPGLAFIAYPKAVTMMPLPTFWS
ILFFIMLLLLGLDSQFVEVEGQITSLVDLYPSFLRKGYRREIFIAFVCSISYLLGLTMVTEGGMYVFQLFDYYAASGVCL
LWVAFFECFVIAWIYGGDNLYDGIEDMIGYRPGPWMKYSWAVITPVLCVGCFIFSLVKYVPLTYNKTYVYPNWAIGLGWS
LALSSMLCVPLVIVIRLCQTEGPFLVRVKYLLTPREPNRWAVEREGATPYNSRTVMNGALVKPTHIIVETMM
;
_entity_poly.pdbx_strand_id   A
#
# COMPACT_ATOMS: atom_id res chain seq x y z
N SER A 57 28.00 19.61 -2.81
CA SER A 57 27.81 18.93 -1.53
C SER A 57 26.77 17.82 -1.65
N SER A 58 25.69 18.08 -2.40
CA SER A 58 24.64 17.09 -2.61
C SER A 58 24.07 16.53 -1.32
N LYS A 59 23.90 17.40 -0.32
CA LYS A 59 23.28 16.97 0.94
C LYS A 59 21.85 16.52 0.69
N ILE A 60 21.14 17.24 -0.16
CA ILE A 60 19.76 16.86 -0.48
C ILE A 60 19.70 15.48 -1.15
N ASP A 61 20.62 15.21 -2.06
CA ASP A 61 20.63 13.92 -2.76
C ASP A 61 20.98 12.80 -1.80
N PHE A 62 21.78 13.11 -0.79
CA PHE A 62 22.17 12.11 0.19
C PHE A 62 21.00 11.69 1.05
N VAL A 63 20.24 12.66 1.54
CA VAL A 63 19.16 12.32 2.47
C VAL A 63 18.10 11.42 1.86
N LEU A 64 17.72 11.65 0.61
CA LEU A 64 16.63 10.84 0.04
C LEU A 64 17.04 9.38 -0.04
N SER A 65 18.28 9.10 -0.44
CA SER A 65 18.77 7.73 -0.50
C SER A 65 18.81 7.12 0.90
N VAL A 66 19.23 7.90 1.89
CA VAL A 66 19.33 7.40 3.27
C VAL A 66 17.99 7.34 4.00
N ALA A 67 17.12 8.32 3.77
CA ALA A 67 15.85 8.37 4.52
C ALA A 67 14.79 7.39 4.05
N GLY A 68 13.59 7.53 4.57
CA GLY A 68 12.50 6.63 4.21
C GLY A 68 12.42 6.40 2.72
N GLY A 69 12.41 5.15 2.29
CA GLY A 69 12.38 4.86 0.86
C GLY A 69 11.21 5.51 0.21
N PHE A 70 11.40 6.05 -0.98
CA PHE A 70 10.28 6.63 -1.71
C PHE A 70 9.79 5.71 -2.81
N VAL A 71 9.98 4.40 -2.66
CA VAL A 71 9.42 3.46 -3.62
C VAL A 71 9.00 2.27 -2.78
N GLY A 72 7.94 1.62 -3.17
CA GLY A 72 7.44 0.50 -2.41
C GLY A 72 6.55 -0.22 -3.36
N LEU A 73 5.99 -1.33 -2.93
CA LEU A 73 5.04 -2.01 -3.77
C LEU A 73 3.79 -1.16 -3.96
N GLY A 74 3.55 -0.16 -3.12
CA GLY A 74 2.39 0.66 -3.36
C GLY A 74 2.55 1.47 -4.62
N ASN A 75 3.75 1.96 -4.88
CA ASN A 75 4.02 2.68 -6.12
C ASN A 75 3.93 1.74 -7.29
N VAL A 76 4.77 0.73 -7.31
CA VAL A 76 4.80 -0.25 -8.41
C VAL A 76 3.56 -1.14 -8.58
N TRP A 77 2.99 -1.63 -7.49
CA TRP A 77 1.85 -2.54 -7.58
C TRP A 77 0.47 -2.06 -7.10
N ARG A 78 0.39 -1.15 -6.14
CA ARG A 78 -0.94 -0.76 -5.71
C ARG A 78 -1.50 0.31 -6.62
N PHE A 79 -0.67 1.29 -6.96
CA PHE A 79 -1.15 2.40 -7.77
C PHE A 79 -1.62 2.01 -9.17
N PRO A 80 -0.83 1.18 -9.90
CA PRO A 80 -1.39 0.86 -11.22
C PRO A 80 -2.73 0.12 -11.18
N TYR A 81 -2.88 -0.85 -10.29
CA TYR A 81 -4.10 -1.64 -10.26
C TYR A 81 -5.32 -0.83 -9.89
N LEU A 82 -5.17 0.09 -8.94
CA LEU A 82 -6.27 0.92 -8.52
C LEU A 82 -6.64 1.90 -9.60
N CYS A 83 -5.63 2.44 -10.28
CA CYS A 83 -5.89 3.33 -11.40
C CYS A 83 -6.69 2.58 -12.43
N TYR A 84 -6.18 1.45 -12.89
CA TYR A 84 -6.83 0.68 -13.94
C TYR A 84 -8.27 0.30 -13.58
N LYS A 85 -8.50 -0.19 -12.37
CA LYS A 85 -9.83 -0.58 -11.93
C LYS A 85 -10.76 0.62 -12.00
N ASN A 86 -10.23 1.81 -11.76
CA ASN A 86 -11.05 3.02 -11.73
C ASN A 86 -10.97 3.89 -12.99
N GLY A 87 -10.39 3.38 -14.07
CA GLY A 87 -10.23 4.14 -15.30
C GLY A 87 -8.88 4.78 -15.20
N GLY A 88 -8.18 5.01 -16.29
CA GLY A 88 -6.88 5.59 -16.08
C GLY A 88 -6.86 7.04 -15.68
N GLY A 89 -7.55 7.88 -16.44
CA GLY A 89 -7.56 9.31 -16.17
C GLY A 89 -8.29 9.83 -14.98
N ALA A 90 -9.49 9.31 -14.77
CA ALA A 90 -10.31 9.82 -13.69
C ALA A 90 -9.61 9.65 -12.39
N PHE A 91 -8.96 8.51 -12.18
CA PHE A 91 -8.33 8.23 -10.89
C PHE A 91 -7.36 9.32 -10.51
N LEU A 92 -6.70 9.91 -11.49
CA LEU A 92 -5.69 10.92 -11.22
C LEU A 92 -6.22 12.21 -10.57
N ILE A 93 -7.42 12.66 -10.94
CA ILE A 93 -7.91 13.89 -10.33
C ILE A 93 -8.10 13.79 -8.81
N PRO A 94 -8.84 12.75 -8.30
CA PRO A 94 -8.89 12.67 -6.84
C PRO A 94 -7.52 12.41 -6.24
N TYR A 95 -6.65 11.68 -6.95
CA TYR A 95 -5.34 11.34 -6.42
C TYR A 95 -4.48 12.55 -6.15
N PHE A 96 -4.40 13.47 -7.10
CA PHE A 96 -3.63 14.69 -6.88
C PHE A 96 -4.29 15.64 -5.88
N ILE A 97 -5.62 15.68 -5.85
CA ILE A 97 -6.31 16.51 -4.85
C ILE A 97 -5.95 16.00 -3.48
N PHE A 98 -6.07 14.71 -3.27
CA PHE A 98 -5.70 14.10 -2.00
C PHE A 98 -4.23 14.26 -1.67
N LEU A 99 -3.34 14.16 -2.66
CA LEU A 99 -1.92 14.28 -2.41
C LEU A 99 -1.60 15.64 -1.84
N PHE A 100 -2.21 16.68 -2.38
CA PHE A 100 -1.89 18.02 -1.93
C PHE A 100 -2.79 18.51 -0.80
N GLY A 101 -4.04 18.05 -0.78
CA GLY A 101 -4.94 18.47 0.27
C GLY A 101 -4.94 17.65 1.54
N SER A 102 -4.63 16.36 1.44
CA SER A 102 -4.56 15.54 2.62
C SER A 102 -3.26 14.79 2.79
N GLY A 103 -2.79 14.14 1.75
CA GLY A 103 -1.60 13.32 1.86
C GLY A 103 -0.34 13.98 2.39
N LEU A 104 0.09 15.04 1.72
CA LEU A 104 1.30 15.75 2.15
C LEU A 104 1.14 16.42 3.52
N PRO A 105 -0.01 17.07 3.78
CA PRO A 105 -0.17 17.63 5.13
C PRO A 105 -0.18 16.62 6.26
N VAL A 106 -0.87 15.49 6.09
CA VAL A 106 -0.87 14.45 7.11
C VAL A 106 0.52 13.83 7.28
N PHE A 107 1.25 13.64 6.19
CA PHE A 107 2.61 13.11 6.25
C PHE A 107 3.45 13.99 7.12
N PHE A 108 3.43 15.28 6.83
CA PHE A 108 4.20 16.22 7.63
C PHE A 108 3.73 16.25 9.06
N LEU A 109 2.42 16.17 9.27
CA LEU A 109 1.87 16.15 10.62
C LEU A 109 2.44 15.02 11.43
N GLU A 110 2.43 13.82 10.88
CA GLU A 110 2.93 12.66 11.59
C GLU A 110 4.41 12.77 11.91
N ILE A 111 5.20 13.24 10.96
CA ILE A 111 6.62 13.45 11.22
C ILE A 111 6.83 14.48 12.33
N ILE A 112 6.09 15.59 12.32
CA ILE A 112 6.34 16.60 13.33
C ILE A 112 5.76 16.26 14.68
N ILE A 113 4.63 15.56 14.73
CA ILE A 113 4.18 15.16 16.06
C ILE A 113 5.27 14.32 16.67
N GLY A 114 5.80 13.36 15.92
CA GLY A 114 6.87 12.53 16.42
C GLY A 114 8.10 13.31 16.82
N GLN A 115 8.44 14.35 16.06
CA GLN A 115 9.63 15.15 16.35
C GLN A 115 9.42 16.02 17.57
N TYR A 116 8.24 16.64 17.68
CA TYR A 116 7.94 17.49 18.81
C TYR A 116 7.89 16.71 20.10
N THR A 117 7.26 15.54 20.07
CA THR A 117 7.10 14.74 21.28
C THR A 117 8.21 13.73 21.50
N SER A 118 9.04 13.50 20.49
CA SER A 118 10.10 12.49 20.56
C SER A 118 9.54 11.12 20.89
N GLU A 119 8.32 10.83 20.43
CA GLU A 119 7.68 9.56 20.76
C GLU A 119 7.00 8.88 19.58
N GLY A 120 6.77 7.58 19.70
CA GLY A 120 6.08 6.84 18.65
C GLY A 120 4.58 7.01 18.68
N GLY A 121 3.88 6.35 17.78
CA GLY A 121 2.43 6.51 17.67
C GLY A 121 1.57 6.42 18.92
N ILE A 122 1.62 5.31 19.61
CA ILE A 122 0.75 5.15 20.77
C ILE A 122 1.02 6.15 21.87
N THR A 123 2.29 6.41 22.15
CA THR A 123 2.64 7.32 23.24
C THR A 123 2.55 8.80 22.88
N CYS A 124 2.79 9.14 21.63
CA CYS A 124 2.71 10.54 21.19
C CYS A 124 1.30 11.07 21.29
N TRP A 125 0.32 10.26 20.91
CA TRP A 125 -1.06 10.70 20.93
C TRP A 125 -1.48 11.01 22.33
N GLU A 126 -1.02 10.22 23.27
CA GLU A 126 -1.36 10.45 24.66
C GLU A 126 -0.85 11.81 25.13
N LYS A 127 0.35 12.20 24.73
CA LYS A 127 0.82 13.54 25.07
C LYS A 127 0.03 14.69 24.42
N ILE A 128 -0.25 14.59 23.12
CA ILE A 128 -0.99 15.64 22.43
C ILE A 128 -2.41 15.75 22.92
N CYS A 129 -3.11 14.63 23.00
CA CYS A 129 -4.47 14.61 23.52
C CYS A 129 -4.68 13.26 24.12
N PRO A 130 -4.83 13.20 25.44
CA PRO A 130 -4.96 11.91 26.11
C PRO A 130 -6.17 11.07 25.69
N LEU A 131 -7.34 11.67 25.47
CA LEU A 131 -8.55 10.93 25.14
C LEU A 131 -8.44 10.27 23.79
N PHE A 132 -7.51 10.71 22.97
CA PHE A 132 -7.38 10.21 21.61
C PHE A 132 -6.20 9.28 21.41
N SER A 133 -5.78 8.60 22.47
CA SER A 133 -4.70 7.64 22.38
C SER A 133 -5.10 6.49 21.48
N GLY A 134 -6.39 6.30 21.27
CA GLY A 134 -6.89 5.21 20.45
C GLY A 134 -6.43 5.27 19.03
N ILE A 135 -6.08 6.45 18.54
CA ILE A 135 -5.54 6.58 17.20
C ILE A 135 -4.27 5.74 17.07
N GLY A 136 -3.42 5.77 18.08
CA GLY A 136 -2.23 4.93 18.08
C GLY A 136 -2.52 3.44 18.11
N TYR A 137 -3.49 3.02 18.92
CA TYR A 137 -3.88 1.63 18.97
C TYR A 137 -4.46 1.17 17.65
N ALA A 138 -5.26 2.02 17.01
CA ALA A 138 -5.86 1.69 15.73
C ALA A 138 -4.80 1.52 14.70
N SER A 139 -3.78 2.36 14.74
CA SER A 139 -2.69 2.28 13.79
C SER A 139 -1.98 0.94 13.91
N VAL A 140 -1.78 0.47 15.14
CA VAL A 140 -1.17 -0.84 15.33
C VAL A 140 -2.00 -1.97 14.75
N VAL A 141 -3.32 -1.93 14.94
CA VAL A 141 -4.19 -2.95 14.39
C VAL A 141 -4.14 -2.94 12.86
N ILE A 142 -4.14 -1.75 12.26
CA ILE A 142 -4.04 -1.64 10.82
C ILE A 142 -2.71 -2.20 10.32
N VAL A 143 -1.62 -1.91 11.02
CA VAL A 143 -0.31 -2.41 10.63
C VAL A 143 -0.28 -3.92 10.72
N SER A 144 -0.88 -4.49 11.75
CA SER A 144 -0.88 -5.92 11.94
C SER A 144 -1.56 -6.60 10.79
N LEU A 145 -2.64 -6.03 10.28
CA LEU A 145 -3.37 -6.65 9.19
C LEU A 145 -2.64 -6.47 7.88
N LEU A 146 -2.00 -5.32 7.71
CA LEU A 146 -1.25 -5.04 6.49
C LEU A 146 -0.09 -6.00 6.35
N ASN A 147 0.59 -6.29 7.44
CA ASN A 147 1.74 -7.20 7.40
C ASN A 147 1.37 -8.58 6.95
N VAL A 148 0.17 -9.03 7.29
CA VAL A 148 -0.30 -10.33 6.86
C VAL A 148 -0.45 -10.46 5.35
N TYR A 149 -1.02 -9.44 4.70
CA TYR A 149 -1.24 -9.54 3.26
C TYR A 149 -0.19 -8.93 2.35
N TYR A 150 0.59 -7.99 2.87
CA TYR A 150 1.63 -7.36 2.07
C TYR A 150 2.65 -8.40 1.69
N ILE A 151 2.95 -9.31 2.61
CA ILE A 151 3.93 -10.34 2.35
C ILE A 151 3.44 -11.36 1.31
N VAL A 152 2.13 -11.47 1.11
CA VAL A 152 1.59 -12.37 0.09
C VAL A 152 2.00 -11.92 -1.31
N ILE A 153 2.06 -10.62 -1.55
CA ILE A 153 2.51 -10.11 -2.85
C ILE A 153 3.94 -10.54 -3.06
N LEU A 154 4.77 -10.49 -2.03
CA LEU A 154 6.14 -10.95 -2.11
C LEU A 154 6.24 -12.45 -2.39
N ALA A 155 5.37 -13.25 -1.80
CA ALA A 155 5.35 -14.68 -2.05
C ALA A 155 5.03 -14.97 -3.51
N TRP A 156 4.26 -14.11 -4.15
CA TRP A 156 3.99 -14.26 -5.58
C TRP A 156 5.21 -13.89 -6.38
N ALA A 157 5.89 -12.83 -5.99
CA ALA A 157 7.11 -12.41 -6.67
C ALA A 157 8.19 -13.46 -6.55
N THR A 158 8.32 -14.07 -5.38
CA THR A 158 9.30 -15.14 -5.17
C THR A 158 8.96 -16.32 -6.05
N TYR A 159 7.68 -16.63 -6.18
CA TYR A 159 7.27 -17.73 -7.04
C TYR A 159 7.62 -17.45 -8.48
N TYR A 160 7.37 -16.24 -8.95
CA TYR A 160 7.71 -15.84 -10.31
C TYR A 160 9.21 -15.87 -10.51
N LEU A 161 9.97 -15.46 -9.50
CA LEU A 161 11.44 -15.50 -9.57
C LEU A 161 11.96 -16.94 -9.70
N PHE A 162 11.39 -17.87 -8.97
CA PHE A 162 11.79 -19.27 -9.13
C PHE A 162 11.41 -19.74 -10.51
N GLN A 163 10.24 -19.36 -10.99
CA GLN A 163 9.79 -19.73 -12.33
C GLN A 163 10.68 -19.10 -13.39
N SER A 164 11.20 -17.92 -13.11
CA SER A 164 12.03 -17.21 -14.07
C SER A 164 13.33 -17.89 -14.48
N PHE A 165 13.91 -18.68 -13.59
CA PHE A 165 15.20 -19.34 -13.86
C PHE A 165 15.23 -20.27 -15.06
N GLN A 166 14.06 -20.64 -15.58
CA GLN A 166 14.00 -21.51 -16.74
C GLN A 166 14.47 -20.76 -17.97
N LYS A 167 14.94 -21.50 -18.98
CA LYS A 167 15.40 -20.88 -20.22
C LYS A 167 14.27 -20.14 -20.90
N GLU A 168 13.08 -20.74 -20.91
CA GLU A 168 11.93 -20.09 -21.50
C GLU A 168 10.99 -19.72 -20.38
N LEU A 169 10.60 -18.46 -20.32
CA LEU A 169 9.67 -18.02 -19.29
C LEU A 169 8.35 -18.72 -19.50
N PRO A 170 7.76 -19.23 -18.41
CA PRO A 170 6.50 -19.98 -18.54
C PRO A 170 5.36 -19.14 -19.09
N TRP A 171 5.27 -17.87 -18.70
CA TRP A 171 4.18 -17.01 -19.15
C TRP A 171 4.28 -16.60 -20.61
N ALA A 172 5.46 -16.73 -21.19
CA ALA A 172 5.66 -16.38 -22.60
C ALA A 172 4.89 -17.22 -23.60
N HIS A 173 4.80 -18.52 -23.36
CA HIS A 173 4.14 -19.40 -24.34
C HIS A 173 2.88 -20.09 -23.86
N CYS A 174 2.21 -20.78 -24.76
CA CYS A 174 0.93 -21.39 -24.39
C CYS A 174 0.82 -22.93 -24.39
N ASN A 175 1.87 -23.64 -24.77
CA ASN A 175 1.78 -25.10 -24.70
C ASN A 175 2.19 -25.66 -23.34
N HIS A 176 1.34 -25.48 -22.34
CA HIS A 176 1.67 -25.95 -21.00
C HIS A 176 0.47 -26.63 -20.36
N SER A 177 0.69 -27.26 -19.21
CA SER A 177 -0.39 -27.99 -18.54
C SER A 177 -1.50 -27.08 -18.04
N TRP A 178 -1.13 -25.94 -17.45
CA TRP A 178 -2.13 -24.99 -16.97
C TRP A 178 -2.95 -24.41 -18.09
N ASN A 179 -2.33 -24.19 -19.23
CA ASN A 179 -3.03 -23.51 -20.31
C ASN A 179 -4.29 -24.20 -20.80
N THR A 180 -5.35 -23.43 -20.94
CA THR A 180 -6.63 -23.97 -21.40
C THR A 180 -6.65 -24.10 -22.92
N PRO A 181 -7.67 -24.81 -23.49
CA PRO A 181 -7.66 -24.80 -24.96
C PRO A 181 -7.93 -23.42 -25.51
N HIS A 182 -8.56 -22.56 -24.72
CA HIS A 182 -8.83 -21.18 -25.14
C HIS A 182 -7.58 -20.36 -25.35
N CYS A 183 -6.55 -20.57 -24.53
CA CYS A 183 -5.37 -19.72 -24.62
C CYS A 183 -4.75 -19.73 -26.00
N MET A 184 -4.40 -18.55 -26.50
CA MET A 184 -3.76 -18.45 -27.79
C MET A 184 -2.66 -17.43 -27.67
N GLU A 185 -1.60 -17.59 -28.46
CA GLU A 185 -0.49 -16.64 -28.42
C GLU A 185 -0.98 -15.28 -28.87
N ASP A 186 -0.49 -14.22 -28.25
CA ASP A 186 -1.01 -12.89 -28.56
C ASP A 186 -0.81 -12.45 -30.01
N THR A 187 0.29 -12.88 -30.62
CA THR A 187 0.49 -12.57 -32.04
C THR A 187 -0.61 -13.22 -32.85
N MET A 188 -0.96 -14.45 -32.51
CA MET A 188 -2.07 -15.12 -33.17
C MET A 188 -3.43 -14.46 -32.93
N ARG A 189 -3.64 -13.87 -31.76
CA ARG A 189 -4.96 -13.30 -31.46
C ARG A 189 -5.45 -12.37 -32.55
N LYS A 190 -4.66 -11.37 -32.93
CA LYS A 190 -5.02 -10.52 -34.07
C LYS A 190 -4.99 -11.27 -35.40
N ASN A 191 -4.02 -12.16 -35.57
CA ASN A 191 -3.85 -12.84 -36.87
C ASN A 191 -4.59 -14.15 -37.03
N LYS A 192 -5.82 -14.11 -37.54
CA LYS A 192 -6.60 -15.32 -37.83
C LYS A 192 -7.25 -16.00 -36.63
N SER A 193 -7.10 -15.43 -35.43
CA SER A 193 -7.77 -16.01 -34.27
C SER A 193 -9.04 -15.31 -33.84
N VAL A 194 -9.09 -13.98 -33.97
CA VAL A 194 -10.27 -13.29 -33.46
C VAL A 194 -11.31 -13.00 -34.52
N TRP A 195 -12.37 -13.80 -34.54
CA TRP A 195 -13.46 -13.55 -35.48
C TRP A 195 -13.00 -13.43 -36.92
N ILE A 196 -12.08 -14.30 -37.32
CA ILE A 196 -11.59 -14.26 -38.70
C ILE A 196 -12.16 -15.40 -39.52
N THR A 197 -11.73 -16.64 -39.25
CA THR A 197 -12.29 -17.77 -39.98
C THR A 197 -13.20 -18.51 -39.03
N ILE A 198 -12.76 -18.69 -37.79
CA ILE A 198 -13.61 -19.30 -36.78
C ILE A 198 -13.71 -18.20 -35.76
N SER A 199 -14.92 -17.82 -35.37
CA SER A 199 -15.06 -16.69 -34.45
C SER A 199 -14.36 -16.94 -33.13
N SER A 200 -13.64 -15.94 -32.61
CA SER A 200 -12.91 -16.09 -31.35
C SER A 200 -13.78 -16.54 -30.19
N THR A 201 -13.57 -17.76 -29.73
CA THR A 201 -14.31 -18.23 -28.57
C THR A 201 -13.63 -17.82 -27.29
N ASN A 202 -13.72 -16.54 -26.92
CA ASN A 202 -13.15 -16.07 -25.66
C ASN A 202 -11.69 -16.43 -25.46
N PHE A 203 -10.85 -16.19 -26.47
CA PHE A 203 -9.43 -16.53 -26.37
C PHE A 203 -8.73 -15.67 -25.32
N THR A 204 -7.70 -16.21 -24.67
CA THR A 204 -7.04 -15.47 -23.58
C THR A 204 -5.51 -15.48 -23.61
N SER A 205 -4.89 -14.50 -22.96
CA SER A 205 -3.43 -14.39 -22.97
C SER A 205 -2.63 -15.49 -22.20
N PRO A 206 -1.49 -15.99 -22.75
CA PRO A 206 -0.73 -16.96 -21.96
C PRO A 206 -0.36 -16.39 -20.60
N VAL A 207 0.00 -15.12 -20.54
CA VAL A 207 0.40 -14.49 -19.28
C VAL A 207 -0.73 -14.48 -18.26
N ILE A 208 -1.94 -14.15 -18.69
CA ILE A 208 -3.09 -14.15 -17.78
C ILE A 208 -3.38 -15.55 -17.28
N GLU A 209 -3.30 -16.53 -18.17
CA GLU A 209 -3.52 -17.91 -17.77
C GLU A 209 -2.50 -18.38 -16.78
N PHE A 210 -1.25 -17.99 -16.96
CA PHE A 210 -0.24 -18.36 -16.00
C PHE A 210 -0.56 -17.78 -14.63
N TRP A 211 -0.94 -16.52 -14.58
CA TRP A 211 -1.23 -15.90 -13.30
C TRP A 211 -2.45 -16.47 -12.62
N GLU A 212 -3.54 -16.62 -13.35
CA GLU A 212 -4.76 -17.10 -12.75
C GLU A 212 -4.75 -18.58 -12.51
N ARG A 213 -4.10 -19.33 -13.39
CA ARG A 213 -4.11 -20.77 -13.24
C ARG A 213 -2.85 -21.39 -12.64
N ASN A 214 -1.67 -21.12 -13.16
CA ASN A 214 -0.50 -21.70 -12.51
C ASN A 214 -0.16 -21.09 -11.15
N VAL A 215 -0.09 -19.78 -11.08
CA VAL A 215 0.23 -19.13 -9.82
C VAL A 215 -0.86 -19.19 -8.79
N LEU A 216 -2.09 -18.90 -9.22
CA LEU A 216 -3.19 -18.82 -8.27
C LEU A 216 -4.08 -20.03 -8.20
N SER A 217 -4.28 -20.71 -9.33
CA SER A 217 -5.24 -21.82 -9.38
C SER A 217 -6.52 -21.28 -8.81
N LEU A 218 -6.93 -20.11 -9.32
CA LEU A 218 -8.11 -19.43 -8.79
C LEU A 218 -9.38 -20.25 -8.73
N SER A 219 -10.00 -20.31 -7.55
CA SER A 219 -11.23 -21.05 -7.37
C SER A 219 -12.39 -20.23 -7.91
N PRO A 220 -13.58 -20.84 -8.03
CA PRO A 220 -14.73 -20.04 -8.46
C PRO A 220 -15.04 -18.89 -7.53
N GLY A 221 -14.89 -19.07 -6.23
CA GLY A 221 -15.26 -18.03 -5.29
C GLY A 221 -14.54 -18.07 -3.96
N ILE A 222 -14.68 -17.02 -3.16
CA ILE A 222 -14.08 -17.06 -1.83
C ILE A 222 -14.69 -18.26 -1.14
N ASP A 223 -15.91 -18.62 -1.51
CA ASP A 223 -16.62 -19.72 -0.85
C ASP A 223 -15.92 -21.05 -0.97
N HIS A 224 -15.33 -21.31 -2.13
CA HIS A 224 -14.40 -22.42 -2.29
C HIS A 224 -13.00 -22.00 -1.88
N PRO A 225 -12.56 -22.40 -0.68
CA PRO A 225 -11.18 -22.05 -0.35
C PRO A 225 -10.23 -22.89 -1.20
N GLY A 226 -10.62 -24.11 -1.53
CA GLY A 226 -9.75 -24.98 -2.28
C GLY A 226 -8.61 -25.53 -1.43
N SER A 227 -7.62 -26.11 -2.08
CA SER A 227 -6.48 -26.68 -1.36
C SER A 227 -5.43 -25.63 -1.10
N LEU A 228 -4.66 -25.80 -0.04
CA LEU A 228 -3.56 -24.89 0.21
C LEU A 228 -2.58 -25.17 -0.91
N LYS A 229 -2.14 -24.13 -1.62
CA LYS A 229 -1.15 -24.35 -2.65
C LYS A 229 0.15 -24.48 -1.91
N TRP A 230 0.78 -25.65 -1.99
CA TRP A 230 1.99 -25.88 -1.23
C TRP A 230 3.14 -25.00 -1.69
N ASP A 231 3.24 -24.78 -2.99
CA ASP A 231 4.34 -24.00 -3.53
C ASP A 231 4.31 -22.54 -3.09
N LEU A 232 3.12 -21.96 -3.00
CA LEU A 232 2.99 -20.58 -2.53
C LEU A 232 3.12 -20.52 -1.03
N ALA A 233 2.70 -21.57 -0.33
CA ALA A 233 2.88 -21.64 1.12
C ALA A 233 4.35 -21.69 1.50
N LEU A 234 5.15 -22.42 0.74
CA LEU A 234 6.58 -22.48 1.00
C LEU A 234 7.25 -21.17 0.65
N CYS A 235 6.79 -20.50 -0.40
CA CYS A 235 7.33 -19.19 -0.74
C CYS A 235 7.01 -18.19 0.34
N LEU A 236 5.80 -18.26 0.90
CA LEU A 236 5.42 -17.37 1.99
C LEU A 236 6.28 -17.60 3.21
N LEU A 237 6.58 -18.86 3.52
CA LEU A 237 7.45 -19.16 4.63
C LEU A 237 8.84 -18.60 4.42
N LEU A 238 9.36 -18.70 3.20
CA LEU A 238 10.66 -18.16 2.91
C LEU A 238 10.70 -16.66 3.14
N VAL A 239 9.68 -15.96 2.68
CA VAL A 239 9.63 -14.53 2.88
C VAL A 239 9.54 -14.24 4.37
N TRP A 240 8.71 -14.98 5.09
CA TRP A 240 8.62 -14.82 6.54
C TRP A 240 9.89 -15.18 7.29
N LEU A 241 10.58 -16.23 6.87
CA LEU A 241 11.84 -16.60 7.49
C LEU A 241 12.88 -15.51 7.31
N VAL A 242 12.94 -14.91 6.13
CA VAL A 242 13.86 -13.81 5.91
C VAL A 242 13.47 -12.67 6.83
N CYS A 243 12.18 -12.41 6.95
CA CYS A 243 11.74 -11.32 7.78
C CYS A 243 12.14 -11.55 9.22
N PHE A 244 11.92 -12.76 9.73
CA PHE A 244 12.25 -13.03 11.11
C PHE A 244 13.74 -12.91 11.34
N PHE A 245 14.54 -13.47 10.45
CA PHE A 245 15.97 -13.43 10.66
C PHE A 245 16.54 -12.03 10.62
N CYS A 246 16.11 -11.22 9.67
CA CYS A 246 16.56 -9.84 9.64
C CYS A 246 16.12 -9.03 10.85
N ILE A 247 14.88 -9.24 11.32
CA ILE A 247 14.42 -8.56 12.51
C ILE A 247 15.14 -9.07 13.75
N TRP A 248 15.21 -10.39 13.91
CA TRP A 248 15.87 -10.97 15.07
C TRP A 248 17.35 -10.68 15.14
N LYS A 249 18.06 -10.80 14.02
CA LYS A 249 19.47 -10.44 14.00
C LYS A 249 19.62 -8.97 14.25
N GLY A 250 18.72 -8.18 13.69
CA GLY A 250 18.76 -6.75 13.90
C GLY A 250 19.50 -6.14 12.75
N VAL A 251 19.41 -6.78 11.60
CA VAL A 251 20.10 -6.29 10.42
C VAL A 251 19.20 -5.17 9.94
N ARG A 252 19.46 -3.95 10.40
CA ARG A 252 18.67 -2.81 9.96
C ARG A 252 19.55 -1.76 9.29
N SER A 253 20.86 -1.86 9.50
CA SER A 253 21.77 -0.88 8.89
C SER A 253 22.60 -1.45 7.75
N THR A 254 22.44 -0.88 6.55
CA THR A 254 23.23 -1.32 5.40
C THR A 254 23.81 -0.09 4.73
N GLY A 255 24.76 0.57 5.38
CA GLY A 255 25.34 1.79 4.83
C GLY A 255 26.03 1.69 3.49
N LYS A 256 26.79 0.63 3.26
CA LYS A 256 27.53 0.50 2.00
C LYS A 256 26.64 0.20 0.79
N VAL A 257 25.62 -0.63 0.96
CA VAL A 257 24.79 -1.03 -0.16
C VAL A 257 23.40 -0.39 -0.18
N VAL A 258 23.19 0.63 0.65
CA VAL A 258 21.91 1.33 0.62
C VAL A 258 21.77 1.97 -0.75
N TYR A 259 22.87 2.46 -1.31
CA TYR A 259 22.83 3.08 -2.63
C TYR A 259 22.32 2.11 -3.69
N PHE A 260 22.86 0.89 -3.73
CA PHE A 260 22.37 -0.11 -4.69
C PHE A 260 20.90 -0.38 -4.47
N THR A 261 20.47 -0.49 -3.22
CA THR A 261 19.07 -0.73 -2.92
C THR A 261 18.18 0.41 -3.38
N ALA A 262 18.66 1.65 -3.27
CA ALA A 262 17.90 2.78 -3.76
C ALA A 262 17.92 2.86 -5.29
N THR A 263 19.11 2.85 -5.87
CA THR A 263 19.23 2.89 -7.32
C THR A 263 18.62 1.75 -8.11
N PHE A 264 18.76 0.52 -7.65
CA PHE A 264 18.27 -0.62 -8.44
C PHE A 264 16.81 -0.54 -8.91
N PRO A 265 15.86 -0.21 -8.01
CA PRO A 265 14.50 -0.09 -8.51
C PRO A 265 14.30 0.98 -9.58
N PHE A 266 14.90 2.15 -9.41
CA PHE A 266 14.78 3.20 -10.39
C PHE A 266 15.38 2.82 -11.73
N ALA A 267 16.52 2.16 -11.71
CA ALA A 267 17.13 1.70 -12.95
C ALA A 267 16.26 0.68 -13.65
N MET A 268 15.67 -0.25 -12.90
CA MET A 268 14.76 -1.22 -13.49
C MET A 268 13.52 -0.56 -14.05
N LEU A 269 12.97 0.39 -13.32
CA LEU A 269 11.78 1.09 -13.78
C LEU A 269 12.06 1.85 -15.05
N LEU A 270 13.23 2.46 -15.15
CA LEU A 270 13.60 3.17 -16.37
C LEU A 270 13.65 2.24 -17.57
N VAL A 271 14.22 1.05 -17.40
CA VAL A 271 14.26 0.09 -18.49
C VAL A 271 12.85 -0.33 -18.89
N LEU A 272 12.00 -0.58 -17.90
CA LEU A 272 10.61 -0.95 -18.20
C LEU A 272 9.88 0.18 -18.90
N LEU A 273 10.11 1.41 -18.47
CA LEU A 273 9.47 2.56 -19.09
C LEU A 273 9.90 2.72 -20.53
N VAL A 274 11.19 2.59 -20.81
CA VAL A 274 11.67 2.71 -22.19
C VAL A 274 11.11 1.61 -23.06
N ARG A 275 11.07 0.39 -22.53
CA ARG A 275 10.48 -0.72 -23.29
C ARG A 275 9.05 -0.40 -23.67
N GLY A 276 8.24 0.05 -22.72
CA GLY A 276 6.85 0.32 -23.01
C GLY A 276 6.66 1.40 -24.03
N LEU A 277 7.35 2.52 -23.84
CA LEU A 277 7.21 3.66 -24.75
C LEU A 277 7.62 3.32 -26.16
N THR A 278 8.51 2.35 -26.31
CA THR A 278 8.94 1.95 -27.64
C THR A 278 8.04 0.86 -28.18
N LEU A 279 7.04 0.48 -27.40
CA LEU A 279 6.13 -0.58 -27.81
C LEU A 279 4.91 -0.06 -28.62
N PRO A 280 4.62 -0.63 -29.82
CA PRO A 280 3.42 -0.20 -30.55
C PRO A 280 2.14 -0.27 -29.72
N GLY A 281 1.42 0.84 -29.58
CA GLY A 281 0.19 0.89 -28.82
C GLY A 281 0.41 1.62 -27.52
N ALA A 282 1.62 2.12 -27.31
CA ALA A 282 1.93 2.84 -26.09
C ALA A 282 1.10 4.08 -25.96
N GLY A 283 0.91 4.80 -27.07
CA GLY A 283 0.19 6.06 -27.03
C GLY A 283 -1.23 5.92 -26.57
N ALA A 284 -1.91 4.87 -27.01
CA ALA A 284 -3.27 4.63 -26.57
C ALA A 284 -3.32 4.37 -25.07
N GLY A 285 -2.37 3.60 -24.57
CA GLY A 285 -2.30 3.35 -23.14
C GLY A 285 -2.04 4.60 -22.36
N ILE A 286 -1.14 5.44 -22.85
CA ILE A 286 -0.83 6.70 -22.19
C ILE A 286 -2.06 7.61 -22.20
N LYS A 287 -2.79 7.63 -23.31
CA LYS A 287 -4.02 8.42 -23.37
C LYS A 287 -5.07 7.90 -22.40
N PHE A 288 -5.23 6.59 -22.33
CA PHE A 288 -6.18 6.00 -21.39
C PHE A 288 -5.79 6.46 -20.00
N TYR A 289 -4.51 6.33 -19.67
CA TYR A 289 -4.02 6.75 -18.37
C TYR A 289 -4.14 8.24 -18.10
N LEU A 290 -3.71 9.07 -19.04
CA LEU A 290 -3.76 10.52 -18.88
C LEU A 290 -5.10 11.21 -18.97
N TYR A 291 -5.92 10.86 -19.96
CA TYR A 291 -7.19 11.55 -20.17
C TYR A 291 -8.31 11.15 -19.24
N PRO A 292 -8.84 12.11 -18.47
CA PRO A 292 -9.90 11.82 -17.49
C PRO A 292 -11.28 11.53 -18.03
N ASP A 293 -12.04 10.68 -17.36
CA ASP A 293 -13.42 10.43 -17.74
C ASP A 293 -14.24 10.94 -16.57
N ILE A 294 -14.97 12.03 -16.77
CA ILE A 294 -15.70 12.66 -15.66
C ILE A 294 -16.77 11.78 -15.04
N THR A 295 -17.49 11.02 -15.86
CA THR A 295 -18.57 10.18 -15.35
C THR A 295 -18.09 9.30 -14.21
N ARG A 296 -16.84 8.88 -14.26
CA ARG A 296 -16.28 8.06 -13.19
C ARG A 296 -16.22 8.79 -11.87
N LEU A 297 -15.89 10.07 -11.89
CA LEU A 297 -15.79 10.85 -10.66
C LEU A 297 -17.11 10.89 -9.90
N GLU A 298 -18.21 10.64 -10.61
CA GLU A 298 -19.51 10.60 -9.94
C GLU A 298 -19.68 9.32 -9.14
N ASP A 299 -18.65 8.50 -9.10
CA ASP A 299 -18.70 7.24 -8.35
C ASP A 299 -17.82 7.39 -7.13
N PRO A 300 -18.33 6.99 -5.96
CA PRO A 300 -17.57 7.13 -4.71
C PRO A 300 -16.28 6.34 -4.69
N GLN A 301 -16.21 5.21 -5.36
CA GLN A 301 -15.04 4.35 -5.31
C GLN A 301 -13.75 4.99 -5.81
N VAL A 302 -13.81 5.75 -6.88
CA VAL A 302 -12.61 6.35 -7.43
C VAL A 302 -12.00 7.27 -6.40
N TRP A 303 -12.82 8.04 -5.72
CA TRP A 303 -12.32 8.96 -4.71
C TRP A 303 -11.70 8.26 -3.52
N ILE A 304 -12.36 7.23 -3.01
CA ILE A 304 -11.83 6.50 -1.88
C ILE A 304 -10.55 5.78 -2.24
N ASP A 305 -10.54 5.14 -3.39
CA ASP A 305 -9.34 4.43 -3.82
C ASP A 305 -8.17 5.34 -4.07
N ALA A 306 -8.40 6.48 -4.71
CA ALA A 306 -7.34 7.44 -4.98
C ALA A 306 -6.76 8.09 -3.75
N GLY A 307 -7.62 8.54 -2.86
CA GLY A 307 -7.15 9.16 -1.65
C GLY A 307 -6.46 8.21 -0.75
N THR A 308 -7.02 7.02 -0.63
CA THR A 308 -6.39 6.00 0.18
C THR A 308 -5.07 5.50 -0.38
N GLN A 309 -4.94 5.42 -1.69
CA GLN A 309 -3.67 5.03 -2.28
C GLN A 309 -2.63 6.03 -1.84
N ILE A 310 -2.94 7.31 -1.83
CA ILE A 310 -1.99 8.30 -1.32
C ILE A 310 -1.57 7.95 0.10
N PHE A 311 -2.55 7.65 0.96
CA PHE A 311 -2.25 7.29 2.35
C PHE A 311 -1.43 6.00 2.42
N PHE A 312 -1.74 5.04 1.57
CA PHE A 312 -0.99 3.79 1.57
C PHE A 312 0.46 4.01 1.21
N SER A 313 0.73 4.63 0.08
CA SER A 313 2.10 4.78 -0.35
C SER A 313 2.91 5.55 0.69
N TYR A 314 2.30 6.52 1.33
CA TYR A 314 2.95 7.30 2.38
C TYR A 314 3.22 6.64 3.74
N ALA A 315 2.59 5.49 3.96
CA ALA A 315 2.69 4.77 5.23
C ALA A 315 2.14 5.64 6.34
N ILE A 316 1.27 6.57 5.98
CA ILE A 316 0.63 7.39 6.99
C ILE A 316 -0.51 6.64 7.63
N CYS A 317 -0.83 6.93 8.88
CA CYS A 317 -1.89 6.25 9.63
C CYS A 317 -1.43 4.88 10.11
N LEU A 318 -0.15 4.57 9.95
CA LEU A 318 0.41 3.30 10.41
C LEU A 318 1.30 3.46 11.63
N GLY A 319 1.58 4.69 12.03
CA GLY A 319 2.47 4.92 13.15
C GLY A 319 3.94 4.90 12.77
N ALA A 320 4.25 4.61 11.51
CA ALA A 320 5.63 4.63 11.07
C ALA A 320 6.18 6.03 11.02
N MET A 321 5.40 6.97 10.53
CA MET A 321 5.90 8.33 10.37
C MET A 321 6.14 9.06 11.68
N THR A 322 5.32 8.81 12.69
CA THR A 322 5.58 9.41 13.99
C THR A 322 6.89 8.90 14.53
N SER A 323 7.15 7.60 14.37
CA SER A 323 8.41 7.02 14.81
C SER A 323 9.62 7.59 14.08
N LEU A 324 9.50 7.78 12.76
CA LEU A 324 10.58 8.38 12.00
C LEU A 324 10.84 9.79 12.47
N GLY A 325 9.78 10.53 12.77
CA GLY A 325 9.92 11.88 13.28
C GLY A 325 10.66 11.86 14.60
N SER A 326 10.39 10.87 15.43
CA SER A 326 11.03 10.78 16.74
C SER A 326 12.53 10.68 16.59
N TYR A 327 12.99 9.94 15.59
CA TYR A 327 14.41 9.81 15.34
C TYR A 327 15.03 11.13 14.97
N ASN A 328 14.30 11.95 14.23
CA ASN A 328 14.80 13.27 13.83
C ASN A 328 15.03 14.17 15.03
N LYS A 329 16.04 15.01 14.97
CA LYS A 329 16.36 15.92 16.07
C LYS A 329 15.30 17.01 16.17
N TYR A 330 15.17 17.63 17.33
CA TYR A 330 14.11 18.62 17.53
C TYR A 330 14.23 19.78 16.56
N LYS A 331 15.45 20.25 16.34
CA LYS A 331 15.67 21.38 15.44
C LYS A 331 16.09 20.91 14.06
N TYR A 332 15.17 20.30 13.33
CA TYR A 332 15.46 19.82 11.99
C TYR A 332 14.39 20.32 11.03
N ASN A 333 14.78 20.65 9.81
CA ASN A 333 13.82 21.08 8.80
C ASN A 333 13.17 19.87 8.18
N SER A 334 12.29 19.22 8.92
CA SER A 334 11.56 18.07 8.38
C SER A 334 10.61 18.49 7.28
N TYR A 335 10.17 19.74 7.28
CA TYR A 335 9.19 20.20 6.29
C TYR A 335 9.71 20.07 4.87
N ARG A 336 10.97 20.43 4.65
CA ARG A 336 11.56 20.32 3.33
C ARG A 336 11.62 18.87 2.90
N ASP A 337 12.04 17.99 3.80
CA ASP A 337 12.18 16.59 3.47
C ASP A 337 10.85 15.95 3.15
N CYS A 338 9.82 16.30 3.90
CA CYS A 338 8.51 15.70 3.68
C CYS A 338 7.99 16.06 2.31
N MET A 339 8.16 17.31 1.90
CA MET A 339 7.71 17.71 0.59
C MET A 339 8.46 16.99 -0.51
N LEU A 340 9.79 16.93 -0.41
CA LEU A 340 10.59 16.23 -1.41
C LEU A 340 10.22 14.76 -1.48
N LEU A 341 10.28 14.08 -0.35
CA LEU A 341 10.00 12.64 -0.34
C LEU A 341 8.59 12.29 -0.75
N GLY A 342 7.61 13.05 -0.30
CA GLY A 342 6.24 12.80 -0.72
C GLY A 342 6.04 13.00 -2.20
N CYS A 343 6.59 14.06 -2.75
CA CYS A 343 6.49 14.29 -4.19
C CYS A 343 7.22 13.23 -4.99
N LEU A 344 8.38 12.80 -4.52
CA LEU A 344 9.12 11.74 -5.19
C LEU A 344 8.36 10.43 -5.17
N ASN A 345 7.72 10.12 -4.05
CA ASN A 345 6.93 8.91 -3.94
C ASN A 345 5.83 8.95 -4.98
N SER A 346 5.06 10.03 -4.98
CA SER A 346 3.97 10.17 -5.94
C SER A 346 4.47 10.24 -7.36
N GLY A 347 5.62 10.88 -7.58
CA GLY A 347 6.19 10.95 -8.90
C GLY A 347 6.57 9.59 -9.41
N THR A 348 7.11 8.74 -8.53
CA THR A 348 7.47 7.38 -8.91
C THR A 348 6.25 6.62 -9.35
N SER A 349 5.16 6.73 -8.60
CA SER A 349 3.92 6.04 -8.95
C SER A 349 3.38 6.55 -10.27
N PHE A 350 3.43 7.85 -10.47
CA PHE A 350 2.93 8.44 -11.70
C PHE A 350 3.73 7.99 -12.90
N VAL A 351 5.06 7.94 -12.79
CA VAL A 351 5.91 7.53 -13.91
C VAL A 351 5.78 6.04 -14.15
N SER A 352 5.75 5.25 -13.09
CA SER A 352 5.58 3.80 -13.22
C SER A 352 4.31 3.54 -13.97
N GLY A 353 3.29 4.37 -13.74
CA GLY A 353 2.03 4.21 -14.43
C GLY A 353 2.16 4.34 -15.93
N PHE A 354 3.02 5.24 -16.39
CA PHE A 354 3.25 5.37 -17.82
C PHE A 354 3.76 4.08 -18.41
N ALA A 355 4.72 3.46 -17.73
CA ALA A 355 5.29 2.19 -18.19
C ALA A 355 4.24 1.12 -18.28
N ILE A 356 3.50 0.91 -17.20
CA ILE A 356 2.50 -0.13 -17.18
C ILE A 356 1.40 0.10 -18.21
N PHE A 357 0.98 1.34 -18.39
CA PHE A 357 -0.09 1.64 -19.32
C PHE A 357 0.36 1.57 -20.76
N SER A 358 1.60 1.93 -21.06
CA SER A 358 2.11 1.75 -22.40
C SER A 358 2.15 0.27 -22.78
N ILE A 359 2.49 -0.59 -21.83
CA ILE A 359 2.47 -2.03 -22.07
C ILE A 359 1.04 -2.51 -22.27
N LEU A 360 0.12 -2.02 -21.45
CA LEU A 360 -1.29 -2.39 -21.58
C LEU A 360 -1.83 -1.96 -22.92
N GLY A 361 -1.40 -0.79 -23.40
CA GLY A 361 -1.82 -0.35 -24.71
C GLY A 361 -1.29 -1.28 -25.78
N PHE A 362 -0.04 -1.71 -25.65
CA PHE A 362 0.52 -2.68 -26.58
C PHE A 362 -0.23 -3.99 -26.56
N MET A 363 -0.53 -4.47 -25.36
CA MET A 363 -1.23 -5.73 -25.23
C MET A 363 -2.61 -5.60 -25.85
N ALA A 364 -3.26 -4.47 -25.64
CA ALA A 364 -4.60 -4.27 -26.17
C ALA A 364 -4.63 -4.33 -27.67
N GLN A 365 -3.65 -3.74 -28.31
CA GLN A 365 -3.59 -3.77 -29.76
C GLN A 365 -3.06 -5.10 -30.31
N GLU A 366 -2.29 -5.85 -29.54
CA GLU A 366 -1.85 -7.13 -30.05
C GLU A 366 -3.05 -8.05 -30.00
N GLN A 367 -3.64 -8.17 -28.82
CA GLN A 367 -4.81 -9.01 -28.65
C GLN A 367 -6.03 -8.53 -29.42
N GLY A 368 -6.20 -7.22 -29.56
CA GLY A 368 -7.32 -6.68 -30.31
C GLY A 368 -8.53 -6.46 -29.42
N VAL A 369 -8.26 -6.01 -28.21
CA VAL A 369 -9.26 -5.92 -27.16
C VAL A 369 -9.12 -4.54 -26.52
N ASP A 370 -10.14 -4.07 -25.83
CA ASP A 370 -10.06 -2.80 -25.13
C ASP A 370 -9.00 -2.79 -24.06
N ILE A 371 -8.33 -1.66 -23.88
CA ILE A 371 -7.31 -1.51 -22.84
C ILE A 371 -7.93 -1.85 -21.50
N ALA A 372 -9.19 -1.50 -21.32
CA ALA A 372 -9.87 -1.77 -20.06
C ALA A 372 -10.04 -3.26 -19.83
N ASP A 373 -10.23 -4.02 -20.90
CA ASP A 373 -10.44 -5.46 -20.77
C ASP A 373 -9.20 -6.32 -20.97
N VAL A 374 -8.08 -5.70 -21.32
CA VAL A 374 -6.87 -6.48 -21.61
C VAL A 374 -6.27 -7.24 -20.43
N ALA A 375 -6.27 -6.65 -19.25
CA ALA A 375 -5.65 -7.28 -18.10
C ALA A 375 -6.54 -7.17 -16.89
N GLU A 376 -6.16 -7.84 -15.81
CA GLU A 376 -7.00 -7.85 -14.62
C GLU A 376 -7.23 -6.51 -13.99
N SER A 377 -8.49 -6.18 -13.69
CA SER A 377 -8.78 -4.95 -12.97
C SER A 377 -8.75 -5.33 -11.53
N GLY A 378 -7.60 -5.78 -11.05
CA GLY A 378 -7.52 -6.27 -9.70
C GLY A 378 -6.07 -6.40 -9.35
N PRO A 379 -5.78 -6.81 -8.11
CA PRO A 379 -4.39 -7.00 -7.71
C PRO A 379 -3.81 -8.04 -8.61
N GLY A 380 -2.62 -7.86 -9.14
CA GLY A 380 -2.13 -8.83 -10.10
C GLY A 380 -1.98 -8.26 -11.47
N LEU A 381 -2.31 -6.99 -11.66
CA LEU A 381 -2.10 -6.33 -12.93
C LEU A 381 -0.61 -6.25 -13.20
N ALA A 382 0.18 -5.95 -12.18
CA ALA A 382 1.62 -5.85 -12.31
C ALA A 382 2.19 -7.19 -12.71
N PHE A 383 1.62 -8.26 -12.17
CA PHE A 383 2.08 -9.61 -12.50
C PHE A 383 1.71 -10.02 -13.91
N ILE A 384 0.82 -9.29 -14.55
CA ILE A 384 0.53 -9.56 -15.95
C ILE A 384 1.29 -8.61 -16.87
N ALA A 385 1.18 -7.30 -16.63
CA ALA A 385 1.83 -6.34 -17.52
C ALA A 385 3.35 -6.33 -17.56
N TYR A 386 3.98 -6.24 -16.40
CA TYR A 386 5.44 -6.22 -16.36
C TYR A 386 6.10 -7.51 -16.87
N PRO A 387 5.56 -8.69 -16.51
CA PRO A 387 6.11 -9.91 -17.10
C PRO A 387 5.97 -9.95 -18.62
N LYS A 388 4.87 -9.49 -19.18
CA LYS A 388 4.73 -9.42 -20.64
C LYS A 388 5.82 -8.55 -21.27
N ALA A 389 6.12 -7.40 -20.67
CA ALA A 389 7.15 -6.50 -21.18
C ALA A 389 8.49 -7.17 -21.21
N VAL A 390 8.78 -7.96 -20.17
CA VAL A 390 10.04 -8.65 -20.07
C VAL A 390 10.21 -9.61 -21.23
N THR A 391 9.13 -10.28 -21.63
CA THR A 391 9.19 -11.20 -22.76
C THR A 391 9.61 -10.44 -24.00
N MET A 392 9.03 -9.27 -24.22
CA MET A 392 9.41 -8.43 -25.35
C MET A 392 10.86 -7.98 -25.24
N MET A 393 11.31 -7.68 -24.03
CA MET A 393 12.68 -7.27 -23.81
C MET A 393 13.74 -8.31 -24.28
N PRO A 394 14.86 -7.88 -24.93
CA PRO A 394 15.90 -8.84 -25.36
C PRO A 394 16.48 -9.56 -24.17
N LEU A 395 16.88 -10.83 -24.30
CA LEU A 395 17.35 -11.60 -23.14
C LEU A 395 16.31 -11.58 -22.04
N PRO A 396 15.11 -12.12 -22.31
CA PRO A 396 14.01 -12.00 -21.34
C PRO A 396 14.24 -12.58 -19.96
N THR A 397 14.85 -13.76 -19.86
CA THR A 397 15.09 -14.39 -18.58
C THR A 397 15.84 -13.45 -17.65
N PHE A 398 16.86 -12.78 -18.18
CA PHE A 398 17.67 -11.89 -17.36
C PHE A 398 16.84 -10.75 -16.79
N TRP A 399 16.00 -10.15 -17.62
CA TRP A 399 15.14 -9.07 -17.16
C TRP A 399 14.10 -9.51 -16.15
N SER A 400 13.54 -10.70 -16.34
CA SER A 400 12.56 -11.22 -15.41
C SER A 400 13.15 -11.40 -14.04
N ILE A 401 14.36 -11.92 -13.98
CA ILE A 401 14.99 -12.16 -12.69
C ILE A 401 15.16 -10.82 -12.01
N LEU A 402 15.60 -9.82 -12.76
CA LEU A 402 15.84 -8.51 -12.19
C LEU A 402 14.58 -7.86 -11.67
N PHE A 403 13.50 -7.97 -12.44
CA PHE A 403 12.27 -7.35 -12.02
C PHE A 403 11.75 -7.94 -10.73
N PHE A 404 11.76 -9.26 -10.64
CA PHE A 404 11.22 -9.90 -9.45
C PHE A 404 12.16 -9.73 -8.28
N ILE A 405 13.45 -9.58 -8.54
CA ILE A 405 14.38 -9.29 -7.46
C ILE A 405 14.08 -7.87 -6.96
N MET A 406 13.82 -6.95 -7.88
CA MET A 406 13.50 -5.57 -7.51
C MET A 406 12.21 -5.53 -6.71
N LEU A 407 11.21 -6.27 -7.16
CA LEU A 407 9.94 -6.29 -6.47
C LEU A 407 10.19 -6.78 -5.07
N LEU A 408 11.03 -7.81 -4.94
CA LEU A 408 11.37 -8.35 -3.64
C LEU A 408 12.14 -7.38 -2.76
N LEU A 409 13.09 -6.65 -3.32
CA LEU A 409 13.89 -5.71 -2.54
C LEU A 409 13.06 -4.57 -2.02
N LEU A 410 12.11 -4.09 -2.81
CA LEU A 410 11.24 -3.02 -2.36
C LEU A 410 10.29 -3.49 -1.28
N GLY A 411 9.66 -4.64 -1.51
CA GLY A 411 8.76 -5.17 -0.52
C GLY A 411 9.38 -5.61 0.77
N LEU A 412 10.51 -6.30 0.69
CA LEU A 412 11.13 -6.82 1.89
C LEU A 412 11.57 -5.71 2.80
N ASP A 413 12.16 -4.68 2.23
CA ASP A 413 12.59 -3.54 3.02
C ASP A 413 11.40 -3.00 3.77
N SER A 414 10.30 -2.76 3.07
CA SER A 414 9.12 -2.23 3.70
C SER A 414 8.56 -3.16 4.76
N GLN A 415 8.51 -4.44 4.45
CA GLN A 415 8.00 -5.42 5.40
C GLN A 415 8.84 -5.51 6.66
N PHE A 416 10.17 -5.46 6.52
CA PHE A 416 11.01 -5.52 7.69
C PHE A 416 10.70 -4.33 8.57
N VAL A 417 10.61 -3.15 7.96
CA VAL A 417 10.41 -1.95 8.75
C VAL A 417 9.07 -2.01 9.45
N GLU A 418 8.05 -2.42 8.72
CA GLU A 418 6.72 -2.46 9.30
C GLU A 418 6.58 -3.49 10.40
N VAL A 419 7.12 -4.68 10.22
CA VAL A 419 7.07 -5.69 11.27
C VAL A 419 7.91 -5.30 12.48
N GLU A 420 9.07 -4.72 12.27
CA GLU A 420 9.86 -4.25 13.40
C GLU A 420 9.09 -3.19 14.15
N GLY A 421 8.45 -2.29 13.41
CA GLY A 421 7.68 -1.25 14.04
C GLY A 421 6.51 -1.79 14.83
N GLN A 422 5.82 -2.78 14.28
CA GLN A 422 4.71 -3.38 15.00
C GLN A 422 5.20 -4.04 16.27
N ILE A 423 6.27 -4.82 16.17
CA ILE A 423 6.80 -5.51 17.34
C ILE A 423 7.30 -4.53 18.39
N THR A 424 8.02 -3.51 17.98
CA THR A 424 8.56 -2.56 18.93
C THR A 424 7.43 -1.84 19.65
N SER A 425 6.41 -1.43 18.92
CA SER A 425 5.30 -0.73 19.53
C SER A 425 4.56 -1.64 20.50
N LEU A 426 4.34 -2.88 20.09
CA LEU A 426 3.67 -3.84 20.96
C LEU A 426 4.49 -4.14 22.20
N VAL A 427 5.80 -4.27 22.04
CA VAL A 427 6.66 -4.50 23.20
C VAL A 427 6.58 -3.32 24.14
N ASP A 428 6.55 -2.10 23.60
CA ASP A 428 6.49 -0.90 24.43
C ASP A 428 5.23 -0.77 25.29
N LEU A 429 4.11 -1.31 24.83
CA LEU A 429 2.90 -1.32 25.65
C LEU A 429 3.16 -2.03 26.96
N TYR A 430 3.93 -3.12 26.94
CA TYR A 430 4.28 -3.83 28.17
C TYR A 430 5.77 -4.05 28.16
N PRO A 431 6.55 -2.98 28.37
CA PRO A 431 8.01 -3.11 28.22
C PRO A 431 8.76 -4.00 29.21
N SER A 432 8.47 -3.94 30.49
CA SER A 432 9.26 -4.71 31.45
C SER A 432 9.10 -6.19 31.21
N PHE A 433 7.87 -6.63 30.96
CA PHE A 433 7.64 -8.04 30.67
C PHE A 433 8.32 -8.48 29.39
N LEU A 434 8.20 -7.72 28.32
CA LEU A 434 8.75 -8.18 27.04
C LEU A 434 10.18 -7.76 26.74
N ARG A 435 10.87 -7.17 27.71
CA ARG A 435 12.28 -6.81 27.51
C ARG A 435 13.27 -7.85 27.99
N LYS A 436 12.78 -8.98 28.47
CA LYS A 436 13.69 -10.06 28.84
C LYS A 436 14.34 -10.46 27.55
N GLY A 437 15.61 -10.85 27.58
CA GLY A 437 16.30 -11.11 26.32
C GLY A 437 15.70 -12.18 25.45
N TYR A 438 15.33 -13.32 26.01
CA TYR A 438 14.63 -14.34 25.24
C TYR A 438 13.25 -13.94 24.80
N ARG A 439 12.50 -13.29 25.67
CA ARG A 439 11.11 -12.96 25.36
C ARG A 439 10.86 -12.10 24.12
N ARG A 440 11.71 -11.12 23.85
CA ARG A 440 11.54 -10.33 22.63
C ARG A 440 11.68 -11.19 21.40
N GLU A 441 12.68 -12.08 21.39
CA GLU A 441 12.89 -12.97 20.24
C GLU A 441 11.72 -13.93 20.08
N ILE A 442 11.21 -14.45 21.19
CA ILE A 442 10.05 -15.32 21.14
C ILE A 442 8.84 -14.56 20.60
N PHE A 443 8.71 -13.30 20.99
CA PHE A 443 7.61 -12.48 20.52
C PHE A 443 7.70 -12.27 19.00
N ILE A 444 8.91 -12.03 18.50
CA ILE A 444 9.08 -11.81 17.08
C ILE A 444 8.65 -13.06 16.34
N ALA A 445 9.04 -14.22 16.85
CA ALA A 445 8.65 -15.47 16.23
C ALA A 445 7.16 -15.67 16.26
N PHE A 446 6.53 -15.34 17.38
CA PHE A 446 5.09 -15.49 17.51
C PHE A 446 4.34 -14.60 16.52
N VAL A 447 4.76 -13.36 16.38
CA VAL A 447 4.12 -12.45 15.45
C VAL A 447 4.29 -12.95 14.02
N CYS A 448 5.50 -13.38 13.68
CA CYS A 448 5.74 -13.88 12.34
C CYS A 448 4.97 -15.14 12.04
N SER A 449 4.92 -16.06 12.99
CA SER A 449 4.16 -17.30 12.82
C SER A 449 2.66 -17.10 12.70
N ILE A 450 2.10 -16.23 13.52
CA ILE A 450 0.66 -15.99 13.50
C ILE A 450 0.29 -15.33 12.19
N SER A 451 1.09 -14.36 11.77
CA SER A 451 0.83 -13.69 10.50
C SER A 451 1.01 -14.63 9.32
N TYR A 452 1.93 -15.59 9.42
CA TYR A 452 2.08 -16.59 8.36
C TYR A 452 0.84 -17.44 8.21
N LEU A 453 0.25 -17.87 9.32
CA LEU A 453 -0.95 -18.70 9.29
C LEU A 453 -2.14 -17.96 8.72
N LEU A 454 -2.30 -16.69 9.07
CA LEU A 454 -3.36 -15.89 8.48
C LEU A 454 -3.11 -15.74 7.00
N GLY A 455 -1.85 -15.59 6.60
CA GLY A 455 -1.49 -15.49 5.20
C GLY A 455 -1.83 -16.76 4.46
N LEU A 456 -1.85 -17.89 5.16
CA LEU A 456 -2.22 -19.16 4.54
C LEU A 456 -3.63 -19.14 3.99
N THR A 457 -4.53 -18.39 4.63
CA THR A 457 -5.88 -18.25 4.09
C THR A 457 -5.84 -17.61 2.72
N MET A 458 -4.81 -16.83 2.43
CA MET A 458 -4.67 -16.16 1.14
C MET A 458 -3.83 -16.88 0.10
N VAL A 459 -3.13 -17.94 0.48
CA VAL A 459 -2.36 -18.72 -0.49
C VAL A 459 -3.12 -19.97 -0.91
N THR A 460 -4.36 -20.08 -0.50
CA THR A 460 -5.21 -21.19 -0.94
C THR A 460 -5.68 -20.86 -2.34
N GLU A 461 -6.37 -21.79 -2.99
CA GLU A 461 -6.88 -21.56 -4.34
C GLU A 461 -7.90 -20.41 -4.40
N GLY A 462 -8.63 -20.17 -3.33
CA GLY A 462 -9.60 -19.08 -3.28
C GLY A 462 -9.01 -17.92 -2.50
N GLY A 463 -7.70 -17.92 -2.30
CA GLY A 463 -7.07 -16.89 -1.50
C GLY A 463 -6.92 -15.53 -2.12
N MET A 464 -7.03 -15.43 -3.44
CA MET A 464 -6.98 -14.13 -4.08
C MET A 464 -8.16 -13.31 -3.63
N TYR A 465 -9.30 -13.96 -3.47
CA TYR A 465 -10.49 -13.27 -3.03
C TYR A 465 -10.30 -12.72 -1.63
N VAL A 466 -9.68 -13.50 -0.77
CA VAL A 466 -9.41 -13.04 0.60
C VAL A 466 -8.44 -11.88 0.55
N PHE A 467 -7.47 -11.95 -0.34
CA PHE A 467 -6.49 -10.87 -0.49
C PHE A 467 -7.12 -9.57 -0.94
N GLN A 468 -8.05 -9.64 -1.88
CA GLN A 468 -8.74 -8.46 -2.34
C GLN A 468 -9.56 -7.85 -1.21
N LEU A 469 -10.19 -8.67 -0.38
CA LEU A 469 -10.91 -8.14 0.76
C LEU A 469 -9.96 -7.42 1.70
N PHE A 470 -8.81 -8.00 1.96
CA PHE A 470 -7.82 -7.40 2.83
C PHE A 470 -7.28 -6.09 2.27
N ASP A 471 -7.00 -6.07 0.98
CA ASP A 471 -6.49 -4.86 0.35
C ASP A 471 -7.53 -3.76 0.37
N TYR A 472 -8.77 -4.07 0.04
CA TYR A 472 -9.85 -3.09 0.09
C TYR A 472 -10.23 -2.61 1.48
N TYR A 473 -10.23 -3.51 2.46
CA TYR A 473 -10.72 -3.15 3.80
C TYR A 473 -9.75 -3.06 4.97
N ALA A 474 -8.82 -3.99 5.08
CA ALA A 474 -7.96 -4.01 6.28
C ALA A 474 -7.02 -2.85 6.56
N ALA A 475 -6.29 -2.40 5.54
CA ALA A 475 -5.36 -1.30 5.71
C ALA A 475 -5.64 -0.16 4.75
N SER A 476 -6.81 -0.17 4.14
CA SER A 476 -7.15 0.86 3.18
C SER A 476 -8.62 1.18 3.22
N GLY A 477 -9.00 2.34 2.72
CA GLY A 477 -10.39 2.67 2.64
C GLY A 477 -10.86 3.45 3.82
N VAL A 478 -12.03 3.12 4.32
CA VAL A 478 -12.61 3.88 5.42
C VAL A 478 -11.76 3.87 6.68
N CYS A 479 -11.02 2.79 6.92
CA CYS A 479 -10.15 2.75 8.09
C CYS A 479 -9.05 3.80 8.02
N LEU A 480 -8.42 3.96 6.86
CA LEU A 480 -7.40 4.99 6.71
C LEU A 480 -7.98 6.38 6.82
N LEU A 481 -9.15 6.58 6.22
CA LEU A 481 -9.82 7.88 6.29
C LEU A 481 -10.16 8.18 7.73
N TRP A 482 -10.63 7.19 8.47
CA TRP A 482 -11.02 7.38 9.84
C TRP A 482 -9.86 7.83 10.70
N VAL A 483 -8.73 7.15 10.56
CA VAL A 483 -7.55 7.51 11.33
C VAL A 483 -7.02 8.87 10.92
N ALA A 484 -6.99 9.15 9.63
CA ALA A 484 -6.52 10.44 9.14
C ALA A 484 -7.40 11.57 9.59
N PHE A 485 -8.72 11.37 9.56
CA PHE A 485 -9.62 12.40 9.97
C PHE A 485 -9.36 12.72 11.42
N PHE A 486 -9.22 11.70 12.23
CA PHE A 486 -9.01 11.92 13.64
C PHE A 486 -7.68 12.58 13.97
N GLU A 487 -6.62 12.21 13.27
CA GLU A 487 -5.34 12.86 13.50
C GLU A 487 -5.45 14.32 13.16
N CYS A 488 -6.05 14.65 12.02
CA CYS A 488 -6.25 16.04 11.65
C CYS A 488 -7.21 16.76 12.58
N PHE A 489 -8.29 16.09 12.96
CA PHE A 489 -9.27 16.69 13.86
C PHE A 489 -8.64 17.09 15.17
N VAL A 490 -7.94 16.17 15.81
CA VAL A 490 -7.39 16.47 17.12
C VAL A 490 -6.35 17.58 17.09
N ILE A 491 -5.44 17.53 16.13
CA ILE A 491 -4.44 18.56 16.02
C ILE A 491 -5.03 19.91 15.67
N ALA A 492 -5.91 19.94 14.67
CA ALA A 492 -6.52 21.19 14.26
C ALA A 492 -7.47 21.81 15.25
N TRP A 493 -8.33 21.00 15.86
CA TRP A 493 -9.36 21.57 16.74
C TRP A 493 -9.21 21.42 18.24
N ILE A 494 -8.48 20.41 18.70
CA ILE A 494 -8.27 20.24 20.12
C ILE A 494 -6.93 20.81 20.54
N TYR A 495 -5.84 20.27 20.01
CA TYR A 495 -4.52 20.79 20.32
C TYR A 495 -4.40 22.21 19.81
N GLY A 496 -4.92 22.47 18.63
CA GLY A 496 -4.84 23.79 18.03
C GLY A 496 -3.76 23.82 17.00
N GLY A 497 -4.13 24.00 15.74
CA GLY A 497 -3.16 24.01 14.65
C GLY A 497 -2.17 25.14 14.78
N ASP A 498 -2.64 26.30 15.20
CA ASP A 498 -1.75 27.45 15.42
C ASP A 498 -0.75 27.16 16.53
N ASN A 499 -1.19 26.50 17.59
CA ASN A 499 -0.28 26.13 18.67
C ASN A 499 0.77 25.20 18.15
N LEU A 500 0.37 24.26 17.30
CA LEU A 500 1.35 23.37 16.70
C LEU A 500 2.27 24.19 15.81
N TYR A 501 1.74 25.18 15.12
CA TYR A 501 2.55 26.04 14.26
C TYR A 501 3.59 26.80 15.05
N ASP A 502 3.33 27.13 16.30
CA ASP A 502 4.36 27.76 17.12
C ASP A 502 5.48 26.76 17.30
N GLY A 503 5.13 25.53 17.64
CA GLY A 503 6.12 24.48 17.79
C GLY A 503 6.87 24.12 16.54
N ILE A 504 6.17 24.06 15.41
CA ILE A 504 6.83 23.77 14.14
C ILE A 504 7.79 24.89 13.81
N GLU A 505 7.39 26.12 14.06
CA GLU A 505 8.27 27.25 13.80
C GLU A 505 9.52 27.16 14.64
N ASP A 506 9.39 26.77 15.90
CA ASP A 506 10.59 26.61 16.70
C ASP A 506 11.46 25.51 16.15
N MET A 507 10.88 24.35 15.86
CA MET A 507 11.64 23.21 15.36
C MET A 507 12.26 23.40 14.01
N ILE A 508 11.48 23.90 13.06
CA ILE A 508 11.95 24.03 11.68
C ILE A 508 12.75 25.31 11.46
N GLY A 509 12.45 26.34 12.24
CA GLY A 509 13.16 27.60 12.10
C GLY A 509 12.28 28.67 11.50
N TYR A 510 11.41 28.29 10.58
CA TYR A 510 10.51 29.25 9.96
C TYR A 510 9.06 28.84 10.14
N ARG A 511 8.17 29.79 10.38
CA ARG A 511 6.77 29.46 10.48
C ARG A 511 6.30 29.00 9.10
N PRO A 512 5.58 27.87 9.07
CA PRO A 512 5.11 27.32 7.79
C PRO A 512 3.99 28.14 7.20
N GLY A 513 3.80 28.03 5.88
CA GLY A 513 2.71 28.73 5.23
C GLY A 513 1.30 28.28 5.64
N PRO A 514 0.22 29.01 5.25
CA PRO A 514 -1.11 28.64 5.74
C PRO A 514 -1.62 27.28 5.25
N TRP A 515 -0.97 26.65 4.28
CA TRP A 515 -1.46 25.40 3.69
C TRP A 515 -1.60 24.23 4.65
N MET A 516 -0.62 24.00 5.51
CA MET A 516 -0.68 22.85 6.40
C MET A 516 -1.85 22.90 7.37
N LYS A 517 -2.09 24.07 7.97
CA LYS A 517 -3.15 24.18 8.95
C LYS A 517 -4.53 24.12 8.32
N TYR A 518 -4.69 24.74 7.15
CA TYR A 518 -5.97 24.71 6.46
C TYR A 518 -6.32 23.30 6.05
N SER A 519 -5.33 22.54 5.62
CA SER A 519 -5.58 21.16 5.28
C SER A 519 -6.00 20.34 6.49
N TRP A 520 -5.32 20.52 7.60
CA TRP A 520 -5.65 19.78 8.80
C TRP A 520 -7.02 20.17 9.30
N ALA A 521 -7.28 21.46 9.40
CA ALA A 521 -8.57 21.95 9.87
C ALA A 521 -9.76 21.68 8.98
N VAL A 522 -9.62 21.88 7.67
CA VAL A 522 -10.76 21.75 6.78
C VAL A 522 -10.65 20.74 5.66
N ILE A 523 -9.62 20.84 4.84
CA ILE A 523 -9.55 19.97 3.67
C ILE A 523 -9.47 18.49 3.95
N THR A 524 -8.61 18.07 4.87
CA THR A 524 -8.59 16.66 5.22
C THR A 524 -9.87 16.19 5.91
N PRO A 525 -10.41 16.96 6.87
CA PRO A 525 -11.69 16.53 7.43
C PRO A 525 -12.79 16.41 6.38
N VAL A 526 -12.98 17.42 5.55
CA VAL A 526 -14.05 17.39 4.57
C VAL A 526 -13.83 16.28 3.54
N LEU A 527 -12.61 16.12 3.06
CA LEU A 527 -12.34 15.04 2.12
C LEU A 527 -12.54 13.66 2.71
N CYS A 528 -12.05 13.42 3.92
CA CYS A 528 -12.27 12.13 4.56
C CYS A 528 -13.73 11.84 4.91
N VAL A 529 -14.40 12.78 5.56
CA VAL A 529 -15.79 12.58 5.95
C VAL A 529 -16.69 12.52 4.73
N GLY A 530 -16.45 13.40 3.77
CA GLY A 530 -17.29 13.43 2.58
C GLY A 530 -17.21 12.17 1.79
N CYS A 531 -16.01 11.62 1.61
CA CYS A 531 -15.85 10.34 0.93
C CYS A 531 -16.51 9.18 1.67
N PHE A 532 -16.39 9.17 2.99
CA PHE A 532 -17.03 8.12 3.77
C PHE A 532 -18.55 8.16 3.62
N ILE A 533 -19.14 9.34 3.71
CA ILE A 533 -20.59 9.46 3.55
C ILE A 533 -20.99 9.13 2.12
N PHE A 534 -20.20 9.56 1.15
CA PHE A 534 -20.54 9.34 -0.25
C PHE A 534 -20.57 7.85 -0.54
N SER A 535 -19.63 7.11 0.01
CA SER A 535 -19.59 5.67 -0.19
C SER A 535 -20.84 5.01 0.37
N LEU A 536 -21.30 5.44 1.54
CA LEU A 536 -22.48 4.87 2.16
C LEU A 536 -23.76 5.25 1.40
N VAL A 537 -23.89 6.52 1.02
CA VAL A 537 -25.07 6.95 0.28
C VAL A 537 -25.18 6.24 -1.07
N LYS A 538 -24.09 6.19 -1.83
CA LYS A 538 -24.09 5.47 -3.10
C LYS A 538 -23.23 4.24 -2.93
N TYR A 539 -23.76 3.21 -2.28
CA TYR A 539 -22.94 2.03 -1.97
C TYR A 539 -22.76 1.03 -3.10
N VAL A 540 -21.51 0.73 -3.43
CA VAL A 540 -21.22 -0.27 -4.45
C VAL A 540 -20.38 -1.38 -3.81
N PRO A 541 -20.81 -2.64 -3.96
CA PRO A 541 -20.07 -3.78 -3.41
C PRO A 541 -18.69 -3.96 -4.05
N LEU A 542 -17.71 -4.35 -3.25
CA LEU A 542 -16.45 -4.86 -3.77
C LEU A 542 -16.66 -5.98 -4.77
N THR A 543 -16.07 -5.84 -5.96
CA THR A 543 -16.18 -6.87 -6.99
C THR A 543 -14.79 -7.25 -7.49
N TYR A 544 -14.47 -8.54 -7.55
CA TYR A 544 -13.13 -8.91 -7.97
C TYR A 544 -13.07 -9.00 -9.49
N ASN A 545 -12.19 -8.22 -10.11
CA ASN A 545 -11.99 -8.26 -11.56
C ASN A 545 -13.25 -7.88 -12.33
N LYS A 546 -14.17 -7.14 -11.71
CA LYS A 546 -15.38 -6.62 -12.38
C LYS A 546 -16.49 -7.64 -12.64
N THR A 547 -16.25 -8.91 -12.32
CA THR A 547 -17.23 -9.94 -12.62
C THR A 547 -17.65 -10.77 -11.42
N TYR A 548 -16.91 -10.66 -10.32
CA TYR A 548 -17.20 -11.48 -9.16
C TYR A 548 -17.90 -10.69 -8.08
N VAL A 549 -19.03 -11.20 -7.61
CA VAL A 549 -19.73 -10.54 -6.52
C VAL A 549 -19.46 -11.27 -5.23
N TYR A 550 -18.97 -10.55 -4.24
CA TYR A 550 -18.63 -11.17 -2.98
C TYR A 550 -19.88 -11.57 -2.18
N PRO A 551 -19.87 -12.75 -1.50
CA PRO A 551 -21.05 -13.03 -0.70
C PRO A 551 -21.26 -11.99 0.40
N ASN A 552 -22.47 -11.90 0.92
CA ASN A 552 -22.76 -10.91 1.94
C ASN A 552 -21.88 -11.13 3.17
N TRP A 553 -21.60 -12.37 3.50
CA TRP A 553 -20.75 -12.66 4.65
C TRP A 553 -19.35 -12.10 4.45
N ALA A 554 -18.83 -12.21 3.24
CA ALA A 554 -17.50 -11.72 2.94
C ALA A 554 -17.41 -10.22 3.12
N ILE A 555 -18.42 -9.50 2.66
CA ILE A 555 -18.45 -8.05 2.84
C ILE A 555 -18.49 -7.69 4.32
N GLY A 556 -19.29 -8.42 5.11
CA GLY A 556 -19.33 -8.19 6.54
C GLY A 556 -18.01 -8.49 7.21
N LEU A 557 -17.34 -9.56 6.80
CA LEU A 557 -16.02 -9.89 7.33
C LEU A 557 -15.02 -8.81 6.96
N GLY A 558 -15.09 -8.30 5.74
CA GLY A 558 -14.22 -7.21 5.35
C GLY A 558 -14.49 -5.98 6.18
N TRP A 559 -15.77 -5.71 6.43
CA TRP A 559 -16.11 -4.58 7.27
C TRP A 559 -15.57 -4.75 8.66
N SER A 560 -15.57 -5.96 9.19
CA SER A 560 -14.99 -6.22 10.50
C SER A 560 -13.51 -5.89 10.55
N LEU A 561 -12.77 -6.21 9.48
CA LEU A 561 -11.36 -5.85 9.42
C LEU A 561 -11.19 -4.35 9.46
N ALA A 562 -12.01 -3.62 8.72
CA ALA A 562 -11.97 -2.17 8.78
C ALA A 562 -12.41 -1.68 10.14
N LEU A 563 -13.47 -2.26 10.68
CA LEU A 563 -14.00 -1.83 11.97
C LEU A 563 -13.10 -2.04 13.17
N SER A 564 -12.31 -3.10 13.19
CA SER A 564 -11.50 -3.38 14.36
C SER A 564 -10.58 -2.21 14.62
N SER A 565 -9.92 -1.71 13.58
CA SER A 565 -9.10 -0.52 13.75
C SER A 565 -9.94 0.69 14.06
N MET A 566 -11.05 0.85 13.36
CA MET A 566 -11.87 2.02 13.55
C MET A 566 -12.43 2.09 14.94
N LEU A 567 -12.84 0.96 15.49
CA LEU A 567 -13.43 0.91 16.83
C LEU A 567 -12.44 1.25 17.93
N CYS A 568 -11.16 1.12 17.68
CA CYS A 568 -10.18 1.36 18.72
C CYS A 568 -10.27 2.80 19.23
N VAL A 569 -10.48 3.75 18.33
CA VAL A 569 -10.63 5.16 18.73
C VAL A 569 -11.82 5.38 19.66
N PRO A 570 -13.07 5.00 19.24
CA PRO A 570 -14.14 5.22 20.24
C PRO A 570 -13.99 4.38 21.50
N LEU A 571 -13.53 3.13 21.39
CA LEU A 571 -13.45 2.27 22.56
C LEU A 571 -12.50 2.79 23.63
N VAL A 572 -11.35 3.28 23.21
CA VAL A 572 -10.38 3.81 24.16
C VAL A 572 -10.95 5.05 24.83
N ILE A 573 -11.63 5.90 24.07
CA ILE A 573 -12.27 7.07 24.66
C ILE A 573 -13.12 6.63 25.84
N VAL A 574 -13.93 5.60 25.65
CA VAL A 574 -14.79 5.11 26.73
C VAL A 574 -13.95 4.61 27.90
N ILE A 575 -12.89 3.88 27.62
CA ILE A 575 -12.01 3.36 28.67
C ILE A 575 -11.38 4.51 29.45
N ARG A 576 -10.94 5.54 28.73
CA ARG A 576 -10.35 6.71 29.40
C ARG A 576 -11.36 7.45 30.28
N LEU A 577 -12.59 7.59 29.78
CA LEU A 577 -13.61 8.31 30.55
C LEU A 577 -13.91 7.56 31.83
N CYS A 578 -14.03 6.25 31.75
CA CYS A 578 -14.30 5.45 32.93
C CYS A 578 -13.17 5.49 33.94
N GLN A 579 -11.94 5.30 33.48
CA GLN A 579 -10.80 5.25 34.40
C GLN A 579 -10.58 6.53 35.18
N THR A 580 -10.73 7.68 34.52
CA THR A 580 -10.55 8.96 35.20
C THR A 580 -11.65 9.19 36.20
N GLU A 581 -11.35 9.96 37.25
CA GLU A 581 -12.33 10.17 38.31
C GLU A 581 -12.85 11.59 38.36
N GLY A 582 -14.17 11.74 38.38
CA GLY A 582 -14.73 13.06 38.49
C GLY A 582 -16.06 13.30 37.76
N PRO A 583 -16.57 14.57 37.75
CA PRO A 583 -17.79 14.76 36.96
C PRO A 583 -17.47 14.57 35.49
N PHE A 584 -18.44 14.11 34.70
CA PHE A 584 -18.21 13.84 33.28
C PHE A 584 -17.45 14.95 32.59
N LEU A 585 -17.92 16.19 32.73
CA LEU A 585 -17.29 17.30 32.03
C LEU A 585 -15.86 17.51 32.47
N VAL A 586 -15.60 17.40 33.77
CA VAL A 586 -14.24 17.55 34.28
C VAL A 586 -13.33 16.46 33.72
N ARG A 587 -13.84 15.23 33.67
CA ARG A 587 -13.05 14.13 33.13
C ARG A 587 -12.68 14.45 31.69
N VAL A 588 -13.68 14.82 30.88
CA VAL A 588 -13.43 15.09 29.48
C VAL A 588 -12.34 16.15 29.38
N LYS A 589 -12.49 17.23 30.14
CA LYS A 589 -11.52 18.32 30.07
C LYS A 589 -10.10 17.88 30.35
N TYR A 590 -9.90 17.12 31.42
CA TYR A 590 -8.56 16.65 31.76
C TYR A 590 -8.03 15.76 30.66
N LEU A 591 -8.89 14.88 30.15
CA LEU A 591 -8.50 14.02 29.04
C LEU A 591 -8.20 14.81 27.78
N LEU A 592 -8.93 15.88 27.52
CA LEU A 592 -8.60 16.73 26.38
C LEU A 592 -7.26 17.46 26.49
N THR A 593 -6.92 17.95 27.68
CA THR A 593 -5.69 18.75 27.83
C THR A 593 -4.38 18.03 27.58
N PRO A 594 -3.45 18.68 26.84
CA PRO A 594 -2.17 18.06 26.51
C PRO A 594 -1.22 17.85 27.68
N ARG A 595 -0.57 16.69 27.73
CA ARG A 595 0.37 16.40 28.81
C ARG A 595 1.81 16.81 28.49
N GLU A 596 2.13 18.10 28.64
CA GLU A 596 3.49 18.60 28.35
C GLU A 596 4.13 18.06 27.06
N PRO A 597 3.54 18.35 25.86
CA PRO A 597 4.16 17.75 24.68
C PRO A 597 5.45 18.43 24.24
N ASN A 598 5.69 19.65 24.70
CA ASN A 598 6.86 20.41 24.26
C ASN A 598 8.11 19.66 24.67
N ARG A 599 8.10 19.11 25.88
CA ARG A 599 9.24 18.35 26.37
C ARG A 599 10.53 19.11 26.13
N TRP A 600 10.58 20.36 26.58
CA TRP A 600 11.79 21.16 26.40
C TRP A 600 12.86 20.82 27.42
#